data_9F6Q
#
_entry.id   9F6Q
#
_cell.length_a   1.00
_cell.length_b   1.00
_cell.length_c   1.00
_cell.angle_alpha   90.00
_cell.angle_beta   90.00
_cell.angle_gamma   90.00
#
_symmetry.space_group_name_H-M   'P 1'
#
_entity_poly.entity_id   1
_entity_poly.type   'polypeptide(L)'
_entity_poly.pdbx_seq_one_letter_code
;MSTGDKGPQRLSGSSYGSISSPTSPTSPGPQQAPPRETYLSEKIPIPDTKPGTFSLRKLWAFTGPGFLMSIAFLDPGNIE
SDLQAGAVAGFKLLWVLLWATVLGLLCQRLAARLGVVTGKDLGEVCHLYYPKVPRTVLWLTIELAIVGSDMQEVIGTAIA
FNLLSAGRIPLWGGVLITIVDTFFFLFLDNYGLRKLEAFFGLLITIMALTFGYEYVVARPEQGALLRGLFLPSCPGCGHP
ELLQAVGIVGAIIMPHNIYLHSALVKSREIDRARRADIREANMYFLIEATIALSVSFIINLFVMAVFGQAFYQKTNQAAF
NICANSSLHDYAKIFPMNNATVAVDIYQGGVILGCLFGPAALYIWAIGLLAAGQSSTMTGTYAGQFVMEGFLRLRWSRFA
RVLLTRSCAILPTVLVAVFRDLRDLSGLNDLLNVLQSLLLPFAVLPILTFTSMPTLMQEFANGLLNKVVTSSIMVLVCAI
NLYFVVSYLPSLPHPAYFGLAALLAAAYLGLSTYLVWTCCLAHGATFLAHSSHHHFLYGLLEEDQKGETSGALEVLFQGP
QGTEQKLISEEDLRGASMDEKTTGWRGGHVVEGLAGELEQLRARLEHHPQGQREP
;
_entity_poly.pdbx_strand_id   A
#
# COMPACT_ATOMS: atom_id res chain seq x y z
N SER A 55 17.88 -14.80 -21.84
CA SER A 55 18.05 -16.16 -21.34
C SER A 55 17.35 -16.34 -20.01
N LEU A 56 17.19 -17.61 -19.61
CA LEU A 56 16.54 -17.90 -18.33
C LEU A 56 17.48 -17.59 -17.16
N ARG A 57 18.78 -17.87 -17.33
CA ARG A 57 19.72 -17.62 -16.23
C ARG A 57 19.87 -16.12 -15.95
N LYS A 58 19.90 -15.30 -17.00
CA LYS A 58 20.00 -13.87 -16.79
C LYS A 58 18.79 -13.32 -16.05
N LEU A 59 17.59 -13.77 -16.42
CA LEU A 59 16.39 -13.35 -15.71
C LEU A 59 16.41 -13.84 -14.27
N TRP A 60 16.88 -15.07 -14.05
CA TRP A 60 16.98 -15.59 -12.70
C TRP A 60 17.92 -14.75 -11.85
N ALA A 61 19.06 -14.35 -12.42
CA ALA A 61 19.99 -13.48 -11.71
C ALA A 61 19.36 -12.13 -11.42
N PHE A 62 18.64 -11.56 -12.39
CA PHE A 62 17.99 -10.27 -12.19
C PHE A 62 16.78 -10.38 -11.27
N THR A 63 16.30 -11.59 -11.00
CA THR A 63 15.12 -11.78 -10.17
C THR A 63 15.43 -11.43 -8.71
N GLY A 64 14.40 -11.07 -7.97
CA GLY A 64 14.52 -10.80 -6.56
C GLY A 64 13.87 -9.53 -6.05
N PRO A 65 13.98 -8.42 -6.79
CA PRO A 65 13.23 -7.22 -6.37
C PRO A 65 11.73 -7.33 -6.59
N GLY A 66 11.31 -7.87 -7.74
CA GLY A 66 9.91 -7.83 -8.10
C GLY A 66 9.02 -8.42 -7.02
N PHE A 67 9.45 -9.53 -6.43
CA PHE A 67 8.74 -10.08 -5.30
C PHE A 67 8.67 -9.07 -4.16
N LEU A 68 9.72 -8.25 -3.99
CA LEU A 68 9.71 -7.28 -2.91
C LEU A 68 8.69 -6.16 -3.15
N MET A 69 8.66 -5.58 -4.35
CA MET A 69 7.62 -4.56 -4.55
C MET A 69 6.23 -5.18 -4.51
N SER A 70 6.06 -6.40 -5.01
CA SER A 70 4.73 -7.03 -4.93
C SER A 70 4.31 -7.23 -3.49
N ILE A 71 5.24 -7.65 -2.64
CA ILE A 71 4.99 -7.77 -1.21
C ILE A 71 4.56 -6.42 -0.64
N ALA A 72 5.21 -5.34 -1.08
CA ALA A 72 4.79 -4.01 -0.63
C ALA A 72 3.39 -3.69 -1.12
N PHE A 73 3.05 -4.08 -2.34
CA PHE A 73 1.71 -3.87 -2.88
C PHE A 73 0.66 -4.63 -2.07
N LEU A 74 1.03 -5.76 -1.47
CA LEU A 74 0.09 -6.59 -0.73
C LEU A 74 0.13 -6.32 0.77
N ASP A 75 0.32 -5.07 1.16
CA ASP A 75 0.30 -4.73 2.57
C ASP A 75 -1.11 -4.86 3.13
N PRO A 76 -1.25 -5.07 4.45
CA PRO A 76 -2.59 -5.20 5.03
C PRO A 76 -3.47 -3.99 4.83
N GLY A 77 -2.90 -2.80 4.67
CA GLY A 77 -3.70 -1.64 4.33
C GLY A 77 -4.42 -1.81 3.01
N ASN A 78 -3.72 -2.35 2.01
CA ASN A 78 -4.38 -2.72 0.76
C ASN A 78 -5.49 -3.73 1.00
N ILE A 79 -5.26 -4.67 1.92
CA ILE A 79 -6.27 -5.69 2.21
C ILE A 79 -7.53 -5.06 2.77
N GLU A 80 -7.39 -4.16 3.74
CA GLU A 80 -8.57 -3.50 4.30
C GLU A 80 -9.25 -2.62 3.25
N SER A 81 -8.45 -1.92 2.44
CA SER A 81 -9.03 -1.02 1.44
C SER A 81 -9.86 -1.80 0.43
N ASP A 82 -9.35 -2.92 -0.07
CA ASP A 82 -10.14 -3.70 -1.00
C ASP A 82 -11.29 -4.42 -0.30
N LEU A 83 -11.11 -4.83 0.96
CA LEU A 83 -12.22 -5.26 1.80
C LEU A 83 -13.39 -4.29 1.69
N GLN A 84 -13.14 -3.03 2.05
CA GLN A 84 -14.22 -2.05 2.11
C GLN A 84 -14.76 -1.75 0.71
N ALA A 85 -13.87 -1.69 -0.29
CA ALA A 85 -14.31 -1.43 -1.65
C ALA A 85 -15.26 -2.51 -2.15
N GLY A 86 -14.89 -3.78 -1.97
CA GLY A 86 -15.77 -4.86 -2.36
C GLY A 86 -17.04 -4.90 -1.54
N ALA A 87 -16.95 -4.55 -0.25
CA ALA A 87 -18.12 -4.55 0.61
C ALA A 87 -19.15 -3.53 0.15
N VAL A 88 -18.70 -2.33 -0.23
CA VAL A 88 -19.64 -1.26 -0.53
C VAL A 88 -19.98 -1.23 -2.01
N ALA A 89 -18.96 -1.03 -2.87
CA ALA A 89 -19.22 -0.83 -4.29
C ALA A 89 -19.18 -2.12 -5.10
N GLY A 90 -18.56 -3.18 -4.57
CA GLY A 90 -18.55 -4.45 -5.28
C GLY A 90 -17.68 -4.40 -6.51
N PHE A 91 -18.24 -4.85 -7.63
CA PHE A 91 -17.49 -4.96 -8.88
C PHE A 91 -17.31 -3.62 -9.60
N LYS A 92 -17.95 -2.56 -9.13
CA LYS A 92 -17.96 -1.31 -9.89
C LYS A 92 -16.64 -0.55 -9.82
N LEU A 93 -15.69 -0.98 -9.00
CA LEU A 93 -14.42 -0.28 -8.83
C LEU A 93 -13.22 -1.04 -9.36
N LEU A 94 -13.42 -2.16 -10.06
CA LEU A 94 -12.28 -2.91 -10.58
C LEU A 94 -11.52 -2.12 -11.64
N TRP A 95 -12.22 -1.35 -12.47
CA TRP A 95 -11.55 -0.54 -13.47
C TRP A 95 -10.66 0.50 -12.81
N VAL A 96 -11.10 1.04 -11.68
CA VAL A 96 -10.24 1.94 -10.91
C VAL A 96 -8.97 1.22 -10.49
N LEU A 97 -9.10 -0.04 -10.05
CA LEU A 97 -7.93 -0.81 -9.67
C LEU A 97 -6.99 -1.03 -10.84
N LEU A 98 -7.55 -1.34 -12.02
CA LEU A 98 -6.72 -1.50 -13.21
C LEU A 98 -5.95 -0.22 -13.53
N TRP A 99 -6.64 0.92 -13.57
CA TRP A 99 -5.96 2.16 -13.94
C TRP A 99 -4.89 2.52 -12.92
N ALA A 100 -5.21 2.39 -11.63
CA ALA A 100 -4.23 2.69 -10.60
C ALA A 100 -3.04 1.74 -10.68
N THR A 101 -3.29 0.46 -10.95
CA THR A 101 -2.20 -0.51 -11.05
C THR A 101 -1.29 -0.20 -12.23
N VAL A 102 -1.87 0.15 -13.37
CA VAL A 102 -1.04 0.44 -14.55
C VAL A 102 -0.24 1.72 -14.34
N LEU A 103 -0.84 2.71 -13.67
CA LEU A 103 -0.08 3.92 -13.36
C LEU A 103 1.06 3.61 -12.39
N GLY A 104 0.80 2.76 -11.40
CA GLY A 104 1.87 2.35 -10.51
C GLY A 104 2.98 1.62 -11.23
N LEU A 105 2.62 0.78 -12.21
CA LEU A 105 3.64 0.10 -13.00
C LEU A 105 4.47 1.10 -13.79
N LEU A 106 3.83 2.11 -14.37
CA LEU A 106 4.57 3.16 -15.07
C LEU A 106 5.52 3.89 -14.11
N CYS A 107 5.03 4.22 -12.91
CA CYS A 107 5.84 4.94 -11.95
C CYS A 107 7.05 4.11 -11.52
N GLN A 108 6.86 2.82 -11.27
CA GLN A 108 7.98 1.98 -10.89
C GLN A 108 8.92 1.71 -12.06
N ARG A 109 8.41 1.73 -13.30
CA ARG A 109 9.31 1.70 -14.45
C ARG A 109 10.21 2.92 -14.44
N LEU A 110 9.63 4.09 -14.18
CA LEU A 110 10.44 5.30 -14.09
C LEU A 110 11.47 5.19 -12.96
N ALA A 111 11.05 4.66 -11.81
CA ALA A 111 11.95 4.53 -10.68
C ALA A 111 13.12 3.60 -11.00
N ALA A 112 12.82 2.45 -11.60
CA ALA A 112 13.88 1.51 -11.96
C ALA A 112 14.81 2.13 -12.99
N ARG A 113 14.26 2.83 -13.98
CA ARG A 113 15.09 3.50 -14.98
C ARG A 113 16.07 4.46 -14.32
N LEU A 114 15.54 5.37 -13.48
CA LEU A 114 16.39 6.36 -12.84
C LEU A 114 17.45 5.69 -11.97
N GLY A 115 17.03 4.72 -11.15
CA GLY A 115 17.97 4.10 -10.23
C GLY A 115 19.08 3.35 -10.95
N VAL A 116 18.74 2.58 -11.99
CA VAL A 116 19.75 1.85 -12.72
C VAL A 116 20.67 2.80 -13.46
N VAL A 117 20.12 3.84 -14.09
CA VAL A 117 20.94 4.68 -14.96
C VAL A 117 21.87 5.59 -14.14
N THR A 118 21.42 6.05 -12.97
CA THR A 118 22.21 7.05 -12.26
C THR A 118 23.11 6.45 -11.18
N GLY A 119 22.87 5.21 -10.76
CA GLY A 119 23.72 4.57 -9.77
C GLY A 119 23.46 4.93 -8.34
N LYS A 120 22.47 5.78 -8.06
CA LYS A 120 22.11 6.15 -6.70
C LYS A 120 20.60 6.17 -6.58
N ASP A 121 20.11 6.09 -5.35
CA ASP A 121 18.66 6.09 -5.18
C ASP A 121 18.12 7.50 -5.37
N LEU A 122 16.79 7.60 -5.47
CA LEU A 122 16.18 8.90 -5.66
C LEU A 122 16.40 9.80 -4.46
N GLY A 123 16.57 9.20 -3.28
CA GLY A 123 16.88 9.99 -2.10
C GLY A 123 18.17 10.76 -2.24
N GLU A 124 19.22 10.09 -2.73
CA GLU A 124 20.50 10.77 -2.89
C GLU A 124 20.40 11.92 -3.89
N VAL A 125 19.68 11.73 -4.99
CA VAL A 125 19.62 12.78 -5.99
C VAL A 125 18.80 13.97 -5.48
N CYS A 126 17.71 13.71 -4.72
CA CYS A 126 16.99 14.87 -4.20
C CYS A 126 17.81 15.58 -3.14
N HIS A 127 18.63 14.85 -2.38
CA HIS A 127 19.55 15.52 -1.46
C HIS A 127 20.56 16.36 -2.23
N LEU A 128 21.04 15.84 -3.36
CA LEU A 128 22.01 16.58 -4.16
C LEU A 128 21.41 17.82 -4.80
N TYR A 129 20.12 17.78 -5.13
CA TYR A 129 19.53 18.87 -5.92
C TYR A 129 18.86 19.93 -5.04
N TYR A 130 17.87 19.54 -4.26
CA TYR A 130 17.04 20.50 -3.54
C TYR A 130 17.83 21.19 -2.42
N PRO A 131 17.45 22.43 -2.09
CA PRO A 131 18.05 23.09 -0.92
C PRO A 131 17.56 22.48 0.39
N LYS A 132 18.07 22.97 1.52
CA LYS A 132 17.91 22.25 2.79
C LYS A 132 16.44 22.10 3.18
N VAL A 133 15.70 23.20 3.21
CA VAL A 133 14.31 23.16 3.69
C VAL A 133 13.43 22.26 2.84
N PRO A 134 13.48 22.33 1.50
CA PRO A 134 12.64 21.39 0.73
C PRO A 134 12.96 19.93 0.97
N ARG A 135 14.23 19.55 1.05
CA ARG A 135 14.53 18.15 1.34
C ARG A 135 14.05 17.77 2.73
N THR A 136 14.19 18.68 3.71
CA THR A 136 13.71 18.38 5.05
C THR A 136 12.21 18.12 5.06
N VAL A 137 11.45 19.02 4.44
CA VAL A 137 10.00 18.86 4.42
C VAL A 137 9.60 17.59 3.68
N LEU A 138 10.23 17.34 2.53
CA LEU A 138 9.88 16.16 1.75
C LEU A 138 10.22 14.89 2.51
N TRP A 139 11.37 14.88 3.20
CA TRP A 139 11.76 13.73 4.00
C TRP A 139 10.76 13.46 5.11
N LEU A 140 10.32 14.53 5.79
CA LEU A 140 9.24 14.34 6.77
C LEU A 140 7.97 13.82 6.10
N THR A 141 7.76 14.15 4.83
CA THR A 141 6.61 13.60 4.12
C THR A 141 6.72 12.09 3.97
N ILE A 142 7.88 11.59 3.50
CA ILE A 142 8.01 10.14 3.44
C ILE A 142 7.93 9.53 4.82
N GLU A 143 8.44 10.23 5.83
CA GLU A 143 8.36 9.71 7.20
C GLU A 143 6.91 9.52 7.62
N LEU A 144 6.07 10.52 7.35
CA LEU A 144 4.65 10.41 7.69
C LEU A 144 3.99 9.28 6.91
N ALA A 145 4.30 9.17 5.62
CA ALA A 145 3.69 8.10 4.82
C ALA A 145 4.10 6.73 5.33
N ILE A 146 5.39 6.55 5.65
CA ILE A 146 5.86 5.24 6.06
C ILE A 146 5.33 4.89 7.45
N VAL A 147 5.24 5.87 8.35
CA VAL A 147 4.69 5.54 9.66
C VAL A 147 3.20 5.24 9.55
N GLY A 148 2.48 5.88 8.62
CA GLY A 148 1.11 5.48 8.37
C GLY A 148 1.01 4.04 7.88
N SER A 149 1.91 3.66 6.97
CA SER A 149 1.96 2.26 6.53
C SER A 149 2.25 1.33 7.70
N ASP A 150 3.13 1.76 8.60
CA ASP A 150 3.44 0.93 9.78
C ASP A 150 2.22 0.77 10.67
N MET A 151 1.46 1.84 10.91
CA MET A 151 0.22 1.69 11.65
C MET A 151 -0.71 0.71 10.94
N GLN A 152 -0.81 0.82 9.62
CA GLN A 152 -1.65 -0.12 8.88
C GLN A 152 -1.24 -1.56 9.15
N GLU A 153 0.07 -1.86 9.07
CA GLU A 153 0.42 -3.27 9.15
C GLU A 153 0.34 -3.76 10.59
N VAL A 154 0.55 -2.89 11.58
CA VAL A 154 0.42 -3.33 12.96
C VAL A 154 -1.03 -3.60 13.31
N ILE A 155 -1.96 -2.78 12.82
CA ILE A 155 -3.38 -3.12 13.01
C ILE A 155 -3.72 -4.43 12.31
N GLY A 156 -3.17 -4.63 11.10
CA GLY A 156 -3.42 -5.90 10.42
C GLY A 156 -2.94 -7.09 11.23
N THR A 157 -1.72 -7.01 11.75
CA THR A 157 -1.18 -8.10 12.55
C THR A 157 -1.98 -8.30 13.82
N ALA A 158 -2.42 -7.21 14.45
CA ALA A 158 -3.22 -7.32 15.67
C ALA A 158 -4.53 -8.02 15.39
N ILE A 159 -5.20 -7.67 14.29
CA ILE A 159 -6.46 -8.34 13.95
C ILE A 159 -6.21 -9.81 13.64
N ALA A 160 -5.13 -10.10 12.92
CA ALA A 160 -4.81 -11.49 12.62
C ALA A 160 -4.59 -12.30 13.91
N PHE A 161 -3.83 -11.74 14.85
CA PHE A 161 -3.58 -12.42 16.11
C PHE A 161 -4.87 -12.59 16.91
N ASN A 162 -5.74 -11.58 16.86
CA ASN A 162 -7.05 -11.70 17.49
C ASN A 162 -7.82 -12.87 16.88
N LEU A 163 -7.76 -13.02 15.56
CA LEU A 163 -8.49 -14.11 14.92
C LEU A 163 -7.89 -15.47 15.25
N LEU A 164 -6.56 -15.58 15.31
CA LEU A 164 -5.96 -16.84 15.75
C LEU A 164 -6.41 -17.21 17.15
N SER A 165 -6.39 -16.25 18.06
CA SER A 165 -6.72 -16.52 19.45
C SER A 165 -8.20 -16.81 19.65
N ALA A 166 -9.04 -16.58 18.64
CA ALA A 166 -10.49 -16.73 18.76
C ALA A 166 -11.03 -15.86 19.90
N GLY A 167 -10.47 -14.67 20.05
CA GLY A 167 -10.90 -13.72 21.06
C GLY A 167 -10.26 -13.87 22.41
N ARG A 168 -9.40 -14.87 22.61
CA ARG A 168 -8.77 -15.06 23.92
C ARG A 168 -7.71 -14.01 24.19
N ILE A 169 -6.86 -13.71 23.20
CA ILE A 169 -5.77 -12.76 23.37
C ILE A 169 -6.24 -11.37 22.95
N PRO A 170 -6.13 -10.36 23.82
CA PRO A 170 -6.56 -9.01 23.44
C PRO A 170 -5.61 -8.32 22.49
N LEU A 171 -5.91 -7.05 22.17
CA LEU A 171 -5.14 -6.34 21.16
C LEU A 171 -3.75 -5.97 21.67
N TRP A 172 -3.64 -5.58 22.93
CA TRP A 172 -2.33 -5.20 23.46
C TRP A 172 -1.37 -6.39 23.46
N GLY A 173 -1.89 -7.59 23.71
CA GLY A 173 -1.09 -8.77 23.54
C GLY A 173 -0.59 -8.95 22.12
N GLY A 174 -1.47 -8.69 21.15
CA GLY A 174 -1.06 -8.81 19.76
C GLY A 174 0.03 -7.83 19.38
N VAL A 175 -0.10 -6.57 19.80
CA VAL A 175 0.91 -5.59 19.43
C VAL A 175 2.22 -5.88 20.15
N LEU A 176 2.16 -6.31 21.41
CA LEU A 176 3.40 -6.63 22.10
C LEU A 176 4.09 -7.83 21.46
N ILE A 177 3.33 -8.85 21.06
CA ILE A 177 3.96 -10.02 20.45
C ILE A 177 4.52 -9.67 19.07
N THR A 178 3.86 -8.77 18.32
CA THR A 178 4.39 -8.45 17.01
C THR A 178 5.64 -7.56 17.11
N ILE A 179 5.69 -6.66 18.10
CA ILE A 179 6.93 -5.91 18.27
C ILE A 179 8.04 -6.81 18.83
N VAL A 180 7.67 -7.82 19.61
CA VAL A 180 8.65 -8.81 20.06
C VAL A 180 9.23 -9.55 18.86
N ASP A 181 8.37 -9.97 17.92
CA ASP A 181 8.85 -10.62 16.71
C ASP A 181 9.69 -9.67 15.87
N THR A 182 9.36 -8.37 15.88
CA THR A 182 10.14 -7.40 15.13
C THR A 182 11.57 -7.30 15.68
N PHE A 183 11.71 -7.13 17.00
CA PHE A 183 13.07 -7.07 17.50
C PHE A 183 13.72 -8.44 17.54
N PHE A 184 12.95 -9.52 17.39
CA PHE A 184 13.55 -10.83 17.12
C PHE A 184 14.18 -10.85 15.73
N PHE A 185 13.50 -10.27 14.74
CA PHE A 185 14.12 -10.10 13.44
C PHE A 185 15.36 -9.22 13.53
N LEU A 186 15.35 -8.24 14.43
CA LEU A 186 16.57 -7.48 14.70
C LEU A 186 17.67 -8.37 15.28
N PHE A 187 17.31 -9.23 16.22
CA PHE A 187 18.25 -10.17 16.82
C PHE A 187 18.83 -11.12 15.76
N LEU A 188 18.06 -11.39 14.70
CA LEU A 188 18.48 -12.30 13.64
C LEU A 188 19.86 -11.95 13.09
N ASP A 189 20.37 -10.74 13.33
CA ASP A 189 21.70 -10.33 12.89
C ASP A 189 22.83 -11.10 13.59
N ASN A 190 22.51 -12.07 14.45
CA ASN A 190 23.55 -12.83 15.13
C ASN A 190 24.46 -13.56 14.14
N TYR A 191 23.87 -14.18 13.13
CA TYR A 191 24.62 -14.87 12.09
C TYR A 191 24.03 -14.50 10.72
N GLY A 192 23.78 -13.21 10.53
CA GLY A 192 23.11 -12.74 9.32
C GLY A 192 23.93 -12.82 8.06
N LEU A 193 23.58 -13.76 7.18
CA LEU A 193 24.11 -13.84 5.83
C LEU A 193 22.99 -13.90 4.80
N ARG A 194 21.83 -13.36 5.15
CA ARG A 194 20.59 -13.54 4.42
C ARG A 194 20.36 -12.43 3.40
N LYS A 195 19.49 -12.72 2.42
CA LYS A 195 19.10 -11.77 1.39
C LYS A 195 17.59 -11.61 1.28
N LEU A 196 16.81 -12.47 1.94
CA LEU A 196 15.36 -12.36 2.13
C LEU A 196 14.56 -12.67 0.88
N GLU A 197 15.22 -12.79 -0.28
CA GLU A 197 14.45 -12.92 -1.52
C GLU A 197 13.73 -14.25 -1.59
N ALA A 198 14.44 -15.36 -1.34
CA ALA A 198 13.79 -16.67 -1.37
C ALA A 198 12.80 -16.81 -0.23
N PHE A 199 13.17 -16.35 0.96
CA PHE A 199 12.28 -16.43 2.12
C PHE A 199 10.94 -15.77 1.84
N PHE A 200 10.98 -14.54 1.35
CA PHE A 200 9.74 -13.80 1.18
C PHE A 200 9.05 -14.08 -0.14
N GLY A 201 9.75 -14.65 -1.13
CA GLY A 201 9.05 -15.26 -2.24
C GLY A 201 8.24 -16.46 -1.79
N LEU A 202 8.80 -17.29 -0.90
CA LEU A 202 8.04 -18.38 -0.33
C LEU A 202 6.84 -17.86 0.46
N LEU A 203 7.03 -16.81 1.25
CA LEU A 203 5.92 -16.26 2.02
C LEU A 203 4.82 -15.70 1.12
N ILE A 204 5.20 -14.97 0.06
CA ILE A 204 4.19 -14.38 -0.82
C ILE A 204 3.48 -15.48 -1.61
N THR A 205 4.19 -16.52 -2.01
CA THR A 205 3.53 -17.65 -2.66
C THR A 205 2.56 -18.33 -1.70
N ILE A 206 2.93 -18.44 -0.43
CA ILE A 206 2.05 -19.05 0.55
C ILE A 206 0.76 -18.24 0.66
N MET A 207 0.88 -16.93 0.89
CA MET A 207 -0.33 -16.14 1.07
C MET A 207 -1.16 -16.05 -0.21
N ALA A 208 -0.49 -16.03 -1.37
CA ALA A 208 -1.20 -16.06 -2.64
C ALA A 208 -1.98 -17.35 -2.80
N LEU A 209 -1.40 -18.48 -2.40
CA LEU A 209 -2.14 -19.75 -2.48
C LEU A 209 -3.34 -19.74 -1.55
N THR A 210 -3.19 -19.16 -0.35
CA THR A 210 -4.35 -19.04 0.53
C THR A 210 -5.47 -18.24 -0.13
N PHE A 211 -5.14 -17.05 -0.63
CA PHE A 211 -6.19 -16.21 -1.22
C PHE A 211 -6.79 -16.86 -2.45
N GLY A 212 -5.95 -17.53 -3.26
CA GLY A 212 -6.46 -18.19 -4.46
C GLY A 212 -7.37 -19.35 -4.13
N TYR A 213 -7.02 -20.14 -3.11
CA TYR A 213 -7.90 -21.21 -2.68
C TYR A 213 -9.22 -20.67 -2.19
N GLU A 214 -9.18 -19.57 -1.42
CA GLU A 214 -10.42 -18.99 -0.93
C GLU A 214 -11.28 -18.54 -2.10
N TYR A 215 -10.66 -17.87 -3.08
CA TYR A 215 -11.39 -17.39 -4.26
C TYR A 215 -11.99 -18.55 -5.05
N VAL A 216 -11.22 -19.63 -5.26
CA VAL A 216 -11.72 -20.70 -6.09
C VAL A 216 -12.84 -21.46 -5.38
N VAL A 217 -12.74 -21.65 -4.07
CA VAL A 217 -13.85 -22.29 -3.37
C VAL A 217 -15.06 -21.37 -3.30
N ALA A 218 -14.86 -20.06 -3.44
CA ALA A 218 -16.01 -19.16 -3.56
C ALA A 218 -16.73 -19.35 -4.89
N ARG A 219 -15.99 -19.68 -5.95
CA ARG A 219 -16.51 -19.88 -7.30
C ARG A 219 -17.35 -18.71 -7.80
N PRO A 220 -16.75 -17.56 -8.09
CA PRO A 220 -17.51 -16.44 -8.66
C PRO A 220 -17.78 -16.63 -10.15
N GLU A 221 -18.64 -15.76 -10.66
CA GLU A 221 -19.02 -15.76 -12.08
C GLU A 221 -18.45 -14.52 -12.74
N GLN A 222 -17.78 -14.71 -13.88
CA GLN A 222 -17.03 -13.64 -14.53
C GLN A 222 -17.89 -12.72 -15.37
N GLY A 223 -19.18 -13.01 -15.52
CA GLY A 223 -20.04 -12.15 -16.33
C GLY A 223 -20.07 -10.72 -15.83
N ALA A 224 -20.26 -10.56 -14.52
CA ALA A 224 -20.18 -9.22 -13.94
C ALA A 224 -18.75 -8.70 -13.92
N LEU A 225 -17.78 -9.61 -13.79
CA LEU A 225 -16.38 -9.20 -13.80
C LEU A 225 -16.00 -8.55 -15.12
N LEU A 226 -16.63 -8.95 -16.22
CA LEU A 226 -16.34 -8.33 -17.51
C LEU A 226 -16.60 -6.83 -17.46
N ARG A 227 -17.80 -6.45 -17.03
CA ARG A 227 -18.13 -5.02 -16.93
C ARG A 227 -17.34 -4.35 -15.82
N GLY A 228 -17.04 -5.07 -14.73
CA GLY A 228 -16.27 -4.48 -13.65
C GLY A 228 -14.87 -4.09 -14.08
N LEU A 229 -14.19 -4.99 -14.79
CA LEU A 229 -12.82 -4.73 -15.23
C LEU A 229 -12.78 -3.77 -16.41
N PHE A 230 -13.70 -3.93 -17.37
CA PHE A 230 -13.57 -3.19 -18.62
C PHE A 230 -14.23 -1.82 -18.56
N LEU A 231 -15.49 -1.75 -18.16
CA LEU A 231 -16.26 -0.51 -18.25
C LEU A 231 -15.82 0.49 -17.18
N PRO A 232 -15.30 1.66 -17.56
CA PRO A 232 -14.82 2.65 -16.58
C PRO A 232 -15.91 3.66 -16.17
N SER A 233 -16.91 3.17 -15.46
CA SER A 233 -17.98 4.05 -14.99
C SER A 233 -18.66 3.41 -13.80
N CYS A 234 -19.42 4.23 -13.08
CA CYS A 234 -20.16 3.77 -11.89
C CYS A 234 -21.45 4.57 -11.76
N PRO A 235 -22.47 4.21 -12.54
CA PRO A 235 -23.78 4.84 -12.34
C PRO A 235 -24.49 4.25 -11.13
N GLY A 236 -25.18 5.13 -10.39
CA GLY A 236 -25.95 4.71 -9.24
C GLY A 236 -25.20 4.71 -7.93
N CYS A 237 -23.89 4.94 -7.93
CA CYS A 237 -23.12 4.99 -6.69
C CYS A 237 -22.88 6.45 -6.29
N GLY A 238 -22.38 6.63 -5.07
CA GLY A 238 -22.29 7.96 -4.49
C GLY A 238 -20.93 8.33 -3.92
N HIS A 239 -20.94 9.30 -3.02
CA HIS A 239 -19.71 9.85 -2.46
C HIS A 239 -18.84 8.83 -1.73
N PRO A 240 -19.38 7.97 -0.86
CA PRO A 240 -18.51 6.97 -0.22
C PRO A 240 -17.79 6.07 -1.21
N GLU A 241 -18.43 5.77 -2.35
CA GLU A 241 -17.74 5.01 -3.39
C GLU A 241 -16.54 5.78 -3.93
N LEU A 242 -16.69 7.09 -4.11
CA LEU A 242 -15.55 7.91 -4.51
C LEU A 242 -14.47 7.90 -3.44
N LEU A 243 -14.86 7.96 -2.18
CA LEU A 243 -13.89 7.93 -1.09
C LEU A 243 -13.08 6.64 -1.11
N GLN A 244 -13.76 5.49 -1.24
CA GLN A 244 -13.03 4.23 -1.25
C GLN A 244 -12.22 4.06 -2.53
N ALA A 245 -12.69 4.62 -3.65
CA ALA A 245 -11.90 4.56 -4.88
C ALA A 245 -10.61 5.35 -4.72
N VAL A 246 -10.69 6.55 -4.13
CA VAL A 246 -9.49 7.34 -3.89
C VAL A 246 -8.57 6.59 -2.93
N GLY A 247 -9.16 5.95 -1.91
CA GLY A 247 -8.36 5.19 -0.97
C GLY A 247 -7.62 4.04 -1.62
N ILE A 248 -8.31 3.29 -2.48
CA ILE A 248 -7.66 2.16 -3.15
C ILE A 248 -6.60 2.66 -4.12
N VAL A 249 -6.84 3.80 -4.78
CA VAL A 249 -5.84 4.37 -5.68
C VAL A 249 -4.59 4.74 -4.90
N GLY A 250 -4.75 5.36 -3.73
CA GLY A 250 -3.59 5.70 -2.93
C GLY A 250 -2.88 4.49 -2.39
N ALA A 251 -3.64 3.49 -1.93
CA ALA A 251 -3.05 2.35 -1.24
C ALA A 251 -2.34 1.40 -2.20
N ILE A 252 -2.84 1.28 -3.44
CA ILE A 252 -2.20 0.36 -4.37
C ILE A 252 -0.80 0.84 -4.74
N ILE A 253 -0.58 2.15 -4.80
CA ILE A 253 0.71 2.73 -5.16
C ILE A 253 1.30 3.33 -3.90
N MET A 254 2.11 2.56 -3.20
CA MET A 254 2.76 3.06 -2.00
C MET A 254 3.78 4.13 -2.36
N PRO A 255 3.70 5.32 -1.78
CA PRO A 255 4.68 6.37 -2.13
C PRO A 255 6.12 5.98 -1.86
N HIS A 256 6.38 5.18 -0.83
CA HIS A 256 7.74 4.80 -0.49
C HIS A 256 8.32 3.76 -1.45
N ASN A 257 7.48 3.08 -2.23
CA ASN A 257 7.98 2.06 -3.14
C ASN A 257 8.90 2.64 -4.20
N ILE A 258 8.70 3.90 -4.58
CA ILE A 258 9.59 4.53 -5.54
C ILE A 258 11.01 4.57 -5.00
N TYR A 259 11.16 5.07 -3.77
CA TYR A 259 12.47 5.08 -3.12
C TYR A 259 13.00 3.68 -2.92
N LEU A 260 12.10 2.75 -2.56
CA LEU A 260 12.51 1.38 -2.28
C LEU A 260 13.15 0.75 -3.51
N HIS A 261 12.48 0.84 -4.66
CA HIS A 261 13.06 0.32 -5.89
C HIS A 261 14.29 1.09 -6.33
N SER A 262 14.26 2.42 -6.20
CA SER A 262 15.43 3.22 -6.56
C SER A 262 16.62 2.90 -5.68
N ALA A 263 16.40 2.25 -4.55
CA ALA A 263 17.51 1.75 -3.74
C ALA A 263 17.91 0.33 -4.12
N LEU A 264 16.94 -0.57 -4.30
CA LEU A 264 17.29 -1.96 -4.62
C LEU A 264 17.89 -2.11 -6.00
N VAL A 265 17.81 -1.09 -6.85
CA VAL A 265 18.43 -1.22 -8.16
C VAL A 265 19.93 -1.45 -8.06
N LYS A 266 20.57 -0.93 -7.01
CA LYS A 266 22.02 -1.06 -6.88
C LYS A 266 22.47 -2.50 -6.68
N SER A 267 21.56 -3.39 -6.25
CA SER A 267 21.97 -4.73 -5.86
C SER A 267 22.67 -5.45 -7.01
N ARG A 268 22.09 -5.40 -8.20
CA ARG A 268 22.75 -5.96 -9.37
C ARG A 268 23.91 -5.06 -9.80
N GLU A 269 25.00 -5.68 -10.21
CA GLU A 269 26.17 -4.92 -10.66
C GLU A 269 25.86 -4.34 -12.03
N ILE A 270 25.83 -3.01 -12.11
CA ILE A 270 25.59 -2.30 -13.36
C ILE A 270 26.83 -1.46 -13.66
N ASP A 271 27.34 -1.59 -14.89
CA ASP A 271 28.49 -0.81 -15.34
C ASP A 271 27.92 0.35 -16.17
N ARG A 272 28.04 1.56 -15.63
CA ARG A 272 27.44 2.73 -16.27
C ARG A 272 28.17 3.17 -17.53
N ALA A 273 29.38 2.65 -17.79
CA ALA A 273 30.11 3.06 -18.98
C ALA A 273 29.47 2.49 -20.25
N ARG A 274 29.02 1.24 -20.20
CA ARG A 274 28.42 0.60 -21.35
C ARG A 274 26.91 0.79 -21.32
N ARG A 275 26.38 1.47 -22.34
CA ARG A 275 24.96 1.81 -22.36
C ARG A 275 24.08 0.63 -22.73
N ALA A 276 24.59 -0.29 -23.56
CA ALA A 276 23.78 -1.46 -23.92
C ALA A 276 23.49 -2.33 -22.71
N ASP A 277 24.47 -2.51 -21.82
CA ASP A 277 24.26 -3.31 -20.63
C ASP A 277 23.21 -2.68 -19.72
N ILE A 278 23.26 -1.35 -19.54
CA ILE A 278 22.28 -0.72 -18.68
C ILE A 278 20.90 -0.74 -19.33
N ARG A 279 20.83 -0.66 -20.66
CA ARG A 279 19.54 -0.81 -21.33
C ARG A 279 18.97 -2.21 -21.10
N GLU A 280 19.82 -3.23 -21.19
CA GLU A 280 19.36 -4.60 -20.94
C GLU A 280 18.91 -4.76 -19.49
N ALA A 281 19.64 -4.17 -18.55
CA ALA A 281 19.23 -4.23 -17.15
C ALA A 281 17.88 -3.53 -16.95
N ASN A 282 17.69 -2.38 -17.60
CA ASN A 282 16.42 -1.68 -17.49
C ASN A 282 15.27 -2.50 -18.04
N MET A 283 15.47 -3.13 -19.20
CA MET A 283 14.39 -3.94 -19.78
C MET A 283 14.10 -5.16 -18.92
N TYR A 284 15.13 -5.77 -18.33
CA TYR A 284 14.92 -6.90 -17.45
C TYR A 284 14.15 -6.48 -16.21
N PHE A 285 14.50 -5.33 -15.63
CA PHE A 285 13.79 -4.85 -14.44
C PHE A 285 12.35 -4.51 -14.78
N LEU A 286 12.11 -3.94 -15.96
CA LEU A 286 10.74 -3.66 -16.38
C LEU A 286 9.93 -4.95 -16.53
N ILE A 287 10.53 -5.98 -17.12
CA ILE A 287 9.84 -7.26 -17.27
C ILE A 287 9.50 -7.84 -15.89
N GLU A 288 10.46 -7.79 -14.97
CA GLU A 288 10.24 -8.31 -13.63
C GLU A 288 9.14 -7.53 -12.91
N ALA A 289 9.16 -6.20 -13.03
CA ALA A 289 8.13 -5.39 -12.41
C ALA A 289 6.76 -5.68 -13.00
N THR A 290 6.70 -5.89 -14.31
CA THR A 290 5.43 -6.25 -14.95
C THR A 290 4.91 -7.58 -14.41
N ILE A 291 5.79 -8.56 -14.25
CA ILE A 291 5.37 -9.86 -13.72
C ILE A 291 4.84 -9.70 -12.29
N ALA A 292 5.56 -8.95 -11.46
CA ALA A 292 5.15 -8.76 -10.07
C ALA A 292 3.80 -8.04 -10.00
N LEU A 293 3.64 -7.00 -10.80
CA LEU A 293 2.37 -6.25 -10.81
C LEU A 293 1.23 -7.12 -11.32
N SER A 294 1.49 -7.99 -12.30
CA SER A 294 0.45 -8.90 -12.76
C SER A 294 0.04 -9.86 -11.64
N VAL A 295 1.00 -10.36 -10.88
CA VAL A 295 0.68 -11.23 -9.75
C VAL A 295 -0.17 -10.49 -8.72
N SER A 296 0.24 -9.26 -8.40
CA SER A 296 -0.54 -8.47 -7.45
C SER A 296 -1.95 -8.23 -7.95
N PHE A 297 -2.10 -7.93 -9.24
CA PHE A 297 -3.42 -7.64 -9.77
C PHE A 297 -4.29 -8.90 -9.80
N ILE A 298 -3.70 -10.06 -10.09
CA ILE A 298 -4.55 -11.27 -10.13
C ILE A 298 -5.01 -11.63 -8.72
N ILE A 299 -4.15 -11.44 -7.71
CA ILE A 299 -4.61 -11.72 -6.35
C ILE A 299 -5.68 -10.71 -5.94
N ASN A 300 -5.53 -9.45 -6.35
CA ASN A 300 -6.56 -8.47 -6.05
C ASN A 300 -7.85 -8.77 -6.80
N LEU A 301 -7.74 -9.32 -8.01
CA LEU A 301 -8.92 -9.75 -8.74
C LEU A 301 -9.64 -10.87 -8.00
N PHE A 302 -8.88 -11.83 -7.48
CA PHE A 302 -9.48 -12.90 -6.69
C PHE A 302 -10.26 -12.33 -5.52
N VAL A 303 -9.61 -11.46 -4.73
CA VAL A 303 -10.27 -10.97 -3.53
C VAL A 303 -11.45 -10.07 -3.88
N MET A 304 -11.32 -9.26 -4.94
CA MET A 304 -12.43 -8.44 -5.40
C MET A 304 -13.64 -9.30 -5.75
N ALA A 305 -13.43 -10.32 -6.57
CA ALA A 305 -14.55 -11.16 -7.01
C ALA A 305 -15.24 -11.80 -5.82
N VAL A 306 -14.45 -12.45 -4.95
CA VAL A 306 -15.07 -13.18 -3.84
C VAL A 306 -15.80 -12.22 -2.91
N PHE A 307 -15.20 -11.08 -2.59
CA PHE A 307 -15.78 -10.21 -1.59
C PHE A 307 -17.01 -9.51 -2.12
N GLY A 308 -16.98 -9.11 -3.40
CA GLY A 308 -18.18 -8.55 -4.01
C GLY A 308 -19.31 -9.55 -4.09
N GLN A 309 -19.00 -10.81 -4.40
CA GLN A 309 -20.08 -11.79 -4.49
C GLN A 309 -20.64 -12.17 -3.13
N ALA A 310 -19.80 -12.22 -2.10
CA ALA A 310 -20.26 -12.63 -0.78
C ALA A 310 -20.72 -11.47 0.09
N PHE A 311 -20.62 -10.23 -0.40
CA PHE A 311 -20.88 -9.08 0.45
C PHE A 311 -21.92 -8.12 -0.09
N TYR A 312 -22.10 -8.02 -1.40
CA TYR A 312 -23.03 -7.05 -1.96
C TYR A 312 -24.47 -7.36 -1.55
N GLN A 313 -25.24 -6.29 -1.33
CA GLN A 313 -26.65 -6.32 -0.95
C GLN A 313 -26.95 -7.36 0.12
N LYS A 314 -26.00 -7.56 1.03
CA LYS A 314 -26.16 -8.47 2.16
C LYS A 314 -26.49 -7.67 3.41
N THR A 315 -27.60 -8.04 4.06
CA THR A 315 -28.03 -7.37 5.27
C THR A 315 -27.52 -8.12 6.51
N ASN A 316 -27.48 -7.40 7.63
CA ASN A 316 -26.91 -7.95 8.85
C ASN A 316 -27.71 -9.15 9.35
N GLN A 317 -29.04 -9.00 9.44
CA GLN A 317 -29.86 -10.09 9.95
C GLN A 317 -29.86 -11.29 9.02
N ALA A 318 -29.73 -11.05 7.70
CA ALA A 318 -29.66 -12.16 6.77
C ALA A 318 -28.41 -13.00 7.01
N ALA A 319 -27.26 -12.33 7.16
CA ALA A 319 -26.02 -13.06 7.46
C ALA A 319 -26.11 -13.77 8.80
N PHE A 320 -26.69 -13.11 9.80
CA PHE A 320 -26.84 -13.73 11.11
C PHE A 320 -27.70 -14.98 11.03
N ASN A 321 -28.80 -14.93 10.30
CA ASN A 321 -29.64 -16.11 10.13
C ASN A 321 -28.93 -17.19 9.34
N ILE A 322 -28.16 -16.81 8.32
CA ILE A 322 -27.49 -17.78 7.47
C ILE A 322 -26.45 -18.57 8.27
N CYS A 323 -25.60 -17.86 9.03
CA CYS A 323 -24.53 -18.52 9.76
C CYS A 323 -24.67 -18.33 11.26
N ALA A 324 -25.90 -18.46 11.76
CA ALA A 324 -26.13 -18.58 13.19
C ALA A 324 -26.20 -20.02 13.66
N ASN A 325 -26.39 -20.96 12.73
CA ASN A 325 -26.37 -22.38 13.08
C ASN A 325 -24.98 -22.84 13.51
N SER A 326 -23.94 -22.15 13.08
CA SER A 326 -22.57 -22.48 13.47
C SER A 326 -22.25 -21.87 14.83
N SER A 327 -21.01 -22.06 15.28
CA SER A 327 -20.60 -21.78 16.65
C SER A 327 -19.36 -20.91 16.68
N LEU A 328 -19.38 -19.80 15.95
CA LEU A 328 -18.26 -18.86 16.01
C LEU A 328 -18.16 -18.19 17.38
N HIS A 329 -19.30 -17.83 17.97
CA HIS A 329 -19.45 -17.02 19.17
C HIS A 329 -19.02 -15.56 19.00
N ASP A 330 -18.65 -15.14 17.79
CA ASP A 330 -18.39 -13.73 17.51
C ASP A 330 -19.57 -13.04 16.84
N TYR A 331 -20.72 -13.70 16.77
CA TYR A 331 -21.86 -13.19 16.02
C TYR A 331 -22.51 -11.97 16.66
N ALA A 332 -22.13 -11.62 17.88
CA ALA A 332 -22.84 -10.57 18.61
C ALA A 332 -22.76 -9.22 17.90
N LYS A 333 -21.59 -8.87 17.37
CA LYS A 333 -21.41 -7.54 16.81
C LYS A 333 -22.09 -7.36 15.46
N ILE A 334 -22.21 -8.44 14.67
CA ILE A 334 -22.60 -8.31 13.28
C ILE A 334 -24.04 -7.80 13.14
N PHE A 335 -24.93 -8.21 14.04
CA PHE A 335 -26.35 -7.98 13.83
C PHE A 335 -26.88 -6.90 14.78
N PRO A 336 -27.06 -5.66 14.33
CA PRO A 336 -27.92 -4.74 15.08
C PRO A 336 -29.36 -4.77 14.60
N MET A 337 -29.90 -5.97 14.36
CA MET A 337 -31.29 -6.19 13.95
C MET A 337 -31.86 -5.14 13.00
N ASN A 338 -31.15 -4.85 11.90
CA ASN A 338 -31.67 -3.95 10.89
C ASN A 338 -31.12 -4.35 9.52
N ASN A 339 -31.92 -4.09 8.49
CA ASN A 339 -31.51 -4.37 7.11
C ASN A 339 -30.73 -3.17 6.59
N ALA A 340 -29.40 -3.27 6.60
CA ALA A 340 -28.55 -2.17 6.15
C ALA A 340 -27.22 -2.74 5.70
N THR A 341 -26.43 -1.89 5.06
CA THR A 341 -25.09 -2.29 4.61
C THR A 341 -24.23 -2.68 5.80
N VAL A 342 -23.51 -3.79 5.66
CA VAL A 342 -22.70 -4.35 6.74
C VAL A 342 -21.31 -3.73 6.64
N ALA A 343 -21.03 -2.76 7.50
CA ALA A 343 -19.68 -2.18 7.58
C ALA A 343 -18.73 -3.22 8.17
N VAL A 344 -17.72 -3.60 7.40
CA VAL A 344 -16.92 -4.78 7.70
C VAL A 344 -15.45 -4.39 7.76
N ASP A 345 -14.77 -4.85 8.82
CA ASP A 345 -13.32 -4.78 8.95
C ASP A 345 -12.73 -6.19 8.77
N ILE A 346 -11.41 -6.30 8.94
CA ILE A 346 -10.75 -7.60 8.73
C ILE A 346 -11.30 -8.63 9.70
N TYR A 347 -11.55 -8.23 10.96
CA TYR A 347 -12.12 -9.16 11.92
C TYR A 347 -13.49 -9.62 11.46
N GLN A 348 -14.37 -8.68 11.12
CA GLN A 348 -15.71 -9.03 10.68
C GLN A 348 -15.67 -9.78 9.35
N GLY A 349 -14.78 -9.39 8.44
CA GLY A 349 -14.66 -10.12 7.18
C GLY A 349 -14.24 -11.56 7.40
N GLY A 350 -13.25 -11.78 8.25
CA GLY A 350 -12.82 -13.14 8.53
C GLY A 350 -13.89 -13.96 9.21
N VAL A 351 -14.59 -13.37 10.18
CA VAL A 351 -15.62 -14.12 10.87
C VAL A 351 -16.78 -14.45 9.93
N ILE A 352 -17.10 -13.53 9.01
CA ILE A 352 -18.17 -13.78 8.06
C ILE A 352 -17.77 -14.88 7.08
N LEU A 353 -16.52 -14.84 6.60
CA LEU A 353 -16.04 -15.90 5.72
C LEU A 353 -16.06 -17.24 6.43
N GLY A 354 -15.63 -17.28 7.69
CA GLY A 354 -15.66 -18.52 8.44
C GLY A 354 -17.07 -19.03 8.69
N CYS A 355 -18.00 -18.12 8.91
CA CYS A 355 -19.38 -18.54 9.17
C CYS A 355 -20.07 -19.01 7.90
N LEU A 356 -19.70 -18.45 6.75
CA LEU A 356 -20.35 -18.85 5.50
C LEU A 356 -19.73 -20.11 4.91
N PHE A 357 -18.41 -20.26 4.99
CA PHE A 357 -17.72 -21.36 4.34
C PHE A 357 -17.12 -22.38 5.30
N GLY A 358 -16.78 -21.96 6.52
CA GLY A 358 -16.12 -22.84 7.46
C GLY A 358 -15.00 -22.12 8.18
N PRO A 359 -14.79 -22.45 9.46
CA PRO A 359 -13.75 -21.76 10.23
C PRO A 359 -12.36 -21.90 9.65
N ALA A 360 -12.11 -22.96 8.88
CA ALA A 360 -10.86 -23.07 8.14
C ALA A 360 -10.61 -21.82 7.32
N ALA A 361 -11.65 -21.30 6.67
CA ALA A 361 -11.52 -20.05 5.94
C ALA A 361 -10.95 -18.96 6.83
N LEU A 362 -11.46 -18.87 8.05
CA LEU A 362 -11.01 -17.78 8.97
C LEU A 362 -9.53 -18.01 9.34
N TYR A 363 -9.20 -19.21 9.81
CA TYR A 363 -7.81 -19.40 10.26
C TYR A 363 -6.82 -19.13 9.13
N ILE A 364 -7.08 -19.67 7.95
CA ILE A 364 -6.18 -19.42 6.83
C ILE A 364 -6.18 -17.95 6.41
N TRP A 365 -7.33 -17.28 6.48
CA TRP A 365 -7.37 -15.85 6.21
C TRP A 365 -6.50 -15.07 7.18
N ALA A 366 -6.59 -15.39 8.46
CA ALA A 366 -5.78 -14.69 9.45
C ALA A 366 -4.30 -15.01 9.28
N ILE A 367 -3.98 -16.24 8.87
CA ILE A 367 -2.59 -16.60 8.58
C ILE A 367 -2.06 -15.74 7.43
N GLY A 368 -2.85 -15.59 6.37
CA GLY A 368 -2.45 -14.73 5.28
C GLY A 368 -2.27 -13.28 5.71
N LEU A 369 -3.17 -12.80 6.58
CA LEU A 369 -3.04 -11.45 7.09
C LEU A 369 -1.76 -11.28 7.89
N LEU A 370 -1.42 -12.26 8.73
CA LEU A 370 -0.19 -12.17 9.51
C LEU A 370 1.03 -12.17 8.61
N ALA A 371 1.03 -13.02 7.57
CA ALA A 371 2.16 -13.04 6.64
C ALA A 371 2.30 -11.71 5.92
N ALA A 372 1.18 -11.14 5.47
CA ALA A 372 1.22 -9.85 4.81
C ALA A 372 1.72 -8.76 5.75
N GLY A 373 1.31 -8.83 7.02
CA GLY A 373 1.79 -7.84 7.99
C GLY A 373 3.28 -7.93 8.22
N GLN A 374 3.81 -9.14 8.39
CA GLN A 374 5.24 -9.30 8.56
C GLN A 374 6.00 -8.81 7.33
N SER A 375 5.52 -9.16 6.14
CA SER A 375 6.19 -8.74 4.91
C SER A 375 6.16 -7.23 4.77
N SER A 376 5.02 -6.60 5.06
CA SER A 376 4.93 -5.15 4.97
C SER A 376 5.81 -4.46 6.00
N THR A 377 5.92 -5.05 7.20
CA THR A 377 6.81 -4.48 8.20
C THR A 377 8.25 -4.50 7.72
N MET A 378 8.68 -5.63 7.15
CA MET A 378 10.05 -5.71 6.65
C MET A 378 10.28 -4.73 5.52
N THR A 379 9.34 -4.63 4.58
CA THR A 379 9.55 -3.74 3.44
C THR A 379 9.55 -2.28 3.90
N GLY A 380 8.76 -1.96 4.92
CA GLY A 380 8.80 -0.62 5.49
C GLY A 380 10.13 -0.34 6.17
N THR A 381 10.67 -1.32 6.89
CA THR A 381 11.97 -1.12 7.53
C THR A 381 13.04 -0.83 6.49
N TYR A 382 13.08 -1.64 5.43
CA TYR A 382 14.07 -1.40 4.38
C TYR A 382 13.87 -0.05 3.70
N ALA A 383 12.62 0.28 3.38
CA ALA A 383 12.35 1.56 2.72
C ALA A 383 12.80 2.72 3.58
N GLY A 384 12.45 2.70 4.86
CA GLY A 384 12.81 3.80 5.74
C GLY A 384 14.30 3.91 5.98
N GLN A 385 14.99 2.78 6.06
CA GLN A 385 16.45 2.82 6.13
C GLN A 385 17.02 3.53 4.90
N PHE A 386 16.48 3.22 3.72
CA PHE A 386 16.97 3.87 2.51
C PHE A 386 16.62 5.35 2.48
N VAL A 387 15.46 5.72 3.04
CA VAL A 387 15.16 7.16 3.20
C VAL A 387 16.20 7.83 4.08
N MET A 388 16.59 7.17 5.18
CA MET A 388 17.64 7.72 6.02
C MET A 388 18.91 7.95 5.23
N GLU A 389 19.40 6.91 4.55
CA GLU A 389 20.66 7.05 3.82
C GLU A 389 20.56 8.05 2.66
N GLY A 390 19.37 8.25 2.12
CA GLY A 390 19.23 9.17 0.99
C GLY A 390 19.11 10.62 1.38
N PHE A 391 18.28 10.92 2.39
CA PHE A 391 18.01 12.30 2.78
C PHE A 391 18.87 12.82 3.92
N LEU A 392 19.53 11.94 4.66
CA LEU A 392 20.45 12.42 5.69
C LEU A 392 21.79 11.68 5.72
N ARG A 393 21.92 10.55 5.04
CA ARG A 393 23.14 9.75 5.06
C ARG A 393 23.50 9.36 6.48
N LEU A 394 22.48 9.07 7.29
CA LEU A 394 22.71 8.71 8.69
C LEU A 394 23.39 7.34 8.79
N ARG A 395 23.05 6.42 7.88
CA ARG A 395 23.77 5.17 7.71
C ARG A 395 23.76 4.31 8.98
N TRP A 396 22.55 3.91 9.38
CA TRP A 396 22.39 2.90 10.41
C TRP A 396 22.06 1.55 9.78
N SER A 397 22.08 0.51 10.61
CA SER A 397 21.79 -0.85 10.16
C SER A 397 20.54 -1.35 10.87
N ARG A 398 19.38 -0.98 10.32
CA ARG A 398 18.07 -1.50 10.70
C ARG A 398 17.69 -1.21 12.15
N PHE A 399 18.42 -0.34 12.85
CA PHE A 399 18.13 -0.12 14.27
C PHE A 399 17.21 1.09 14.50
N ALA A 400 17.68 2.28 14.14
CA ALA A 400 16.96 3.50 14.49
C ALA A 400 15.64 3.61 13.75
N ARG A 401 15.63 3.25 12.47
CA ARG A 401 14.39 3.28 11.68
C ARG A 401 13.34 2.40 12.31
N VAL A 402 13.69 1.15 12.63
CA VAL A 402 12.68 0.24 13.18
C VAL A 402 12.25 0.72 14.55
N LEU A 403 13.18 1.24 15.36
CA LEU A 403 12.80 1.74 16.68
C LEU A 403 11.77 2.85 16.57
N LEU A 404 12.06 3.87 15.76
CA LEU A 404 11.14 5.00 15.65
C LEU A 404 9.81 4.56 15.05
N THR A 405 9.84 3.70 14.03
CA THR A 405 8.59 3.29 13.39
C THR A 405 7.72 2.46 14.33
N ARG A 406 8.32 1.49 15.01
CA ARG A 406 7.53 0.67 15.94
C ARG A 406 7.00 1.50 17.11
N SER A 407 7.77 2.48 17.58
CA SER A 407 7.26 3.34 18.65
C SER A 407 6.09 4.20 18.16
N CYS A 408 6.29 4.90 17.03
CA CYS A 408 5.24 5.75 16.48
C CYS A 408 4.01 4.95 16.04
N ALA A 409 4.17 3.65 15.86
CA ALA A 409 3.01 2.79 15.65
C ALA A 409 2.38 2.36 16.96
N ILE A 410 3.20 1.95 17.95
CA ILE A 410 2.65 1.34 19.14
C ILE A 410 1.84 2.34 19.95
N LEU A 411 2.28 3.61 20.00
CA LEU A 411 1.53 4.57 20.81
C LEU A 411 0.08 4.71 20.36
N PRO A 412 -0.22 5.11 19.11
CA PRO A 412 -1.63 5.30 18.75
C PRO A 412 -2.45 4.02 18.79
N THR A 413 -1.90 2.89 18.36
CA THR A 413 -2.66 1.65 18.39
C THR A 413 -2.90 1.16 19.82
N VAL A 414 -1.91 1.33 20.71
CA VAL A 414 -2.17 0.93 22.09
C VAL A 414 -3.22 1.82 22.72
N LEU A 415 -3.21 3.12 22.39
CA LEU A 415 -4.23 4.02 22.91
C LEU A 415 -5.61 3.63 22.41
N VAL A 416 -5.72 3.35 21.10
CA VAL A 416 -7.02 3.03 20.50
C VAL A 416 -7.48 1.65 20.94
N ALA A 417 -6.56 0.77 21.33
CA ALA A 417 -6.96 -0.52 21.87
C ALA A 417 -7.45 -0.37 23.30
N VAL A 418 -6.81 0.50 24.08
CA VAL A 418 -7.24 0.68 25.48
C VAL A 418 -8.58 1.38 25.55
N PHE A 419 -8.80 2.42 24.74
CA PHE A 419 -9.95 3.30 24.93
C PHE A 419 -10.90 3.38 23.73
N ARG A 420 -10.78 2.47 22.77
CA ARG A 420 -11.68 2.50 21.61
C ARG A 420 -11.90 1.08 21.11
N ASP A 421 -12.94 0.92 20.28
CA ASP A 421 -13.30 -0.39 19.77
C ASP A 421 -12.77 -0.57 18.34
N LEU A 422 -13.14 -1.70 17.73
CA LEU A 422 -12.55 -2.08 16.45
C LEU A 422 -13.08 -1.27 15.29
N ARG A 423 -14.31 -0.75 15.40
CA ARG A 423 -14.82 0.14 14.36
C ARG A 423 -13.96 1.39 14.26
N ASP A 424 -13.50 1.91 15.39
CA ASP A 424 -12.55 3.00 15.36
C ASP A 424 -11.25 2.59 14.67
N LEU A 425 -10.84 1.34 14.84
CA LEU A 425 -9.65 0.86 14.14
C LEU A 425 -9.85 0.86 12.63
N SER A 426 -11.03 0.41 12.17
CA SER A 426 -11.33 0.44 10.75
C SER A 426 -11.34 1.86 10.22
N GLY A 427 -11.98 2.77 10.96
CA GLY A 427 -11.96 4.17 10.55
C GLY A 427 -10.57 4.76 10.51
N LEU A 428 -9.73 4.38 11.48
CA LEU A 428 -8.35 4.86 11.51
C LEU A 428 -7.57 4.35 10.30
N ASN A 429 -7.78 3.10 9.92
CA ASN A 429 -7.09 2.59 8.73
C ASN A 429 -7.60 3.29 7.47
N ASP A 430 -8.90 3.58 7.42
CA ASP A 430 -9.44 4.40 6.32
C ASP A 430 -8.72 5.74 6.24
N LEU A 431 -8.58 6.42 7.37
CA LEU A 431 -7.88 7.70 7.39
C LEU A 431 -6.43 7.53 7.00
N LEU A 432 -5.80 6.43 7.41
CA LEU A 432 -4.39 6.19 7.09
C LEU A 432 -4.19 6.01 5.59
N ASN A 433 -5.03 5.20 4.94
CA ASN A 433 -4.85 5.00 3.51
C ASN A 433 -5.27 6.23 2.72
N VAL A 434 -6.24 7.01 3.22
CA VAL A 434 -6.52 8.30 2.62
C VAL A 434 -5.30 9.21 2.72
N LEU A 435 -4.63 9.21 3.87
CA LEU A 435 -3.42 10.00 4.03
C LEU A 435 -2.33 9.55 3.06
N GLN A 436 -2.22 8.23 2.85
CA GLN A 436 -1.28 7.71 1.88
C GLN A 436 -1.61 8.22 0.48
N SER A 437 -2.89 8.24 0.13
CA SER A 437 -3.30 8.80 -1.15
C SER A 437 -2.93 10.27 -1.26
N LEU A 438 -3.14 11.03 -0.18
CA LEU A 438 -2.81 12.45 -0.20
C LEU A 438 -1.32 12.67 -0.33
N LEU A 439 -0.51 11.78 0.22
CA LEU A 439 0.94 11.93 0.16
C LEU A 439 1.55 11.35 -1.11
N LEU A 440 0.80 10.56 -1.88
CA LEU A 440 1.31 10.00 -3.13
C LEU A 440 1.91 11.03 -4.08
N PRO A 441 1.26 12.16 -4.38
CA PRO A 441 1.89 13.12 -5.32
C PRO A 441 3.22 13.65 -4.83
N PHE A 442 3.40 13.78 -3.51
CA PHE A 442 4.69 14.21 -2.99
C PHE A 442 5.80 13.20 -3.25
N ALA A 443 5.45 11.97 -3.65
CA ALA A 443 6.45 11.00 -4.05
C ALA A 443 6.47 10.74 -5.55
N VAL A 444 5.40 11.09 -6.26
CA VAL A 444 5.38 10.85 -7.70
C VAL A 444 5.86 12.07 -8.49
N LEU A 445 5.84 13.26 -7.89
CA LEU A 445 6.34 14.43 -8.59
C LEU A 445 7.85 14.55 -8.57
N PRO A 446 8.55 14.32 -7.45
CA PRO A 446 10.01 14.40 -7.50
C PRO A 446 10.64 13.46 -8.51
N ILE A 447 10.11 12.25 -8.65
CA ILE A 447 10.64 11.34 -9.67
C ILE A 447 10.37 11.89 -11.07
N LEU A 448 9.18 12.46 -11.28
CA LEU A 448 8.88 13.09 -12.57
C LEU A 448 9.93 14.14 -12.90
N THR A 449 10.19 15.04 -11.95
CA THR A 449 11.21 16.06 -12.15
C THR A 449 12.55 15.43 -12.46
N PHE A 450 13.00 14.51 -11.62
CA PHE A 450 14.37 14.03 -11.69
C PHE A 450 14.62 13.17 -12.93
N THR A 451 13.60 12.58 -13.52
CA THR A 451 13.77 12.01 -14.84
C THR A 451 13.45 12.99 -15.96
N SER A 452 12.97 14.19 -15.64
CA SER A 452 12.70 15.17 -16.69
C SER A 452 13.99 15.68 -17.33
N MET A 453 14.86 16.34 -16.56
CA MET A 453 15.98 17.05 -17.17
C MET A 453 16.99 16.08 -17.77
N PRO A 454 17.71 16.50 -18.80
CA PRO A 454 18.72 15.64 -19.43
C PRO A 454 20.10 15.70 -18.81
N THR A 455 20.31 16.51 -17.77
CA THR A 455 21.65 16.61 -17.18
C THR A 455 22.12 15.26 -16.64
N LEU A 456 21.23 14.55 -15.93
CA LEU A 456 21.57 13.21 -15.48
C LEU A 456 21.46 12.20 -16.62
N MET A 457 20.49 12.37 -17.51
CA MET A 457 20.22 11.41 -18.59
C MET A 457 20.16 12.18 -19.91
N GLN A 458 21.33 12.41 -20.52
CA GLN A 458 21.37 13.05 -21.83
C GLN A 458 20.64 12.21 -22.87
N GLU A 459 20.84 10.89 -22.84
CA GLU A 459 20.16 10.00 -23.77
C GLU A 459 18.87 9.44 -23.17
N PHE A 460 18.97 8.79 -22.01
CA PHE A 460 17.82 8.12 -21.40
C PHE A 460 16.93 9.09 -20.65
N ALA A 461 16.53 10.17 -21.32
CA ALA A 461 15.61 11.14 -20.76
C ALA A 461 14.18 10.66 -20.99
N ASN A 462 13.21 11.54 -20.76
CA ASN A 462 11.81 11.24 -20.98
C ASN A 462 11.36 11.78 -22.33
N GLY A 463 10.69 10.95 -23.11
CA GLY A 463 10.15 11.38 -24.38
C GLY A 463 8.97 12.32 -24.19
N LEU A 464 8.56 12.92 -25.31
CA LEU A 464 7.43 13.86 -25.27
C LEU A 464 6.16 13.18 -24.82
N LEU A 465 5.91 11.95 -25.30
CA LEU A 465 4.69 11.24 -24.92
C LEU A 465 4.68 10.93 -23.43
N ASN A 466 5.80 10.44 -22.90
CA ASN A 466 5.88 10.20 -21.46
C ASN A 466 5.73 11.49 -20.68
N LYS A 467 6.34 12.57 -21.17
CA LYS A 467 6.24 13.86 -20.49
C LYS A 467 4.78 14.30 -20.37
N VAL A 468 4.06 14.31 -21.48
CA VAL A 468 2.68 14.79 -21.46
C VAL A 468 1.79 13.84 -20.66
N VAL A 469 2.02 12.53 -20.77
CA VAL A 469 1.21 11.58 -20.01
C VAL A 469 1.42 11.79 -18.52
N THR A 470 2.67 11.91 -18.10
CA THR A 470 2.95 12.11 -16.68
C THR A 470 2.39 13.43 -16.17
N SER A 471 2.46 14.47 -16.99
CA SER A 471 1.84 15.73 -16.60
C SER A 471 0.34 15.58 -16.44
N SER A 472 -0.30 14.82 -17.34
CA SER A 472 -1.74 14.58 -17.23
C SER A 472 -2.07 13.86 -15.94
N ILE A 473 -1.29 12.83 -15.59
CA ILE A 473 -1.59 12.13 -14.34
C ILE A 473 -1.32 13.01 -13.14
N MET A 474 -0.31 13.88 -13.22
CA MET A 474 -0.02 14.72 -12.06
C MET A 474 -1.12 15.74 -11.83
N VAL A 475 -1.64 16.35 -12.90
CA VAL A 475 -2.77 17.24 -12.71
C VAL A 475 -4.00 16.45 -12.27
N LEU A 476 -4.16 15.22 -12.76
CA LEU A 476 -5.30 14.41 -12.35
C LEU A 476 -5.26 14.13 -10.86
N VAL A 477 -4.10 13.72 -10.35
CA VAL A 477 -3.99 13.39 -8.92
C VAL A 477 -4.10 14.64 -8.06
N CYS A 478 -3.56 15.77 -8.54
CA CYS A 478 -3.72 17.00 -7.77
C CYS A 478 -5.19 17.42 -7.71
N ALA A 479 -5.93 17.26 -8.81
CA ALA A 479 -7.35 17.55 -8.80
C ALA A 479 -8.09 16.59 -7.87
N ILE A 480 -7.71 15.32 -7.85
CA ILE A 480 -8.33 14.36 -6.95
C ILE A 480 -8.10 14.76 -5.50
N ASN A 481 -6.88 15.16 -5.17
CA ASN A 481 -6.59 15.60 -3.81
C ASN A 481 -7.38 16.85 -3.45
N LEU A 482 -7.48 17.80 -4.40
CA LEU A 482 -8.26 19.00 -4.15
C LEU A 482 -9.73 18.66 -3.88
N TYR A 483 -10.30 17.76 -4.69
CA TYR A 483 -11.69 17.38 -4.49
C TYR A 483 -11.89 16.67 -3.16
N PHE A 484 -10.95 15.80 -2.78
CA PHE A 484 -11.08 15.08 -1.52
C PHE A 484 -10.99 16.03 -0.33
N VAL A 485 -10.05 16.98 -0.37
CA VAL A 485 -9.96 17.93 0.73
C VAL A 485 -11.17 18.85 0.74
N VAL A 486 -11.74 19.16 -0.44
CA VAL A 486 -12.98 19.92 -0.49
C VAL A 486 -14.10 19.17 0.21
N SER A 487 -14.19 17.86 -0.05
CA SER A 487 -15.15 17.03 0.67
C SER A 487 -14.89 17.06 2.17
N TYR A 488 -13.62 17.12 2.56
CA TYR A 488 -13.29 17.08 3.99
C TYR A 488 -13.60 18.40 4.70
N LEU A 489 -13.54 19.53 4.01
CA LEU A 489 -13.75 20.81 4.68
C LEU A 489 -15.05 20.90 5.48
N PRO A 490 -16.22 20.56 4.95
CA PRO A 490 -17.45 20.69 5.75
C PRO A 490 -17.66 19.57 6.76
N SER A 491 -16.72 18.64 6.88
CA SER A 491 -16.88 17.49 7.77
C SER A 491 -16.27 17.70 9.14
N LEU A 492 -15.76 18.88 9.44
CA LEU A 492 -15.16 19.12 10.75
C LEU A 492 -16.25 19.40 11.78
N PRO A 493 -16.40 18.55 12.80
CA PRO A 493 -17.43 18.82 13.82
C PRO A 493 -17.15 20.06 14.65
N HIS A 494 -15.88 20.38 14.90
CA HIS A 494 -15.51 21.50 15.75
C HIS A 494 -15.00 22.65 14.90
N PRO A 495 -15.50 23.87 15.12
CA PRO A 495 -14.99 25.01 14.33
C PRO A 495 -13.54 25.35 14.61
N ALA A 496 -12.98 24.89 15.74
CA ALA A 496 -11.60 25.22 16.07
C ALA A 496 -10.60 24.58 15.11
N TYR A 497 -10.98 23.49 14.43
CA TYR A 497 -10.08 22.82 13.50
C TYR A 497 -10.00 23.52 12.15
N PHE A 498 -10.81 24.56 11.92
CA PHE A 498 -10.78 25.26 10.65
C PHE A 498 -9.40 25.83 10.36
N GLY A 499 -8.79 26.49 11.35
CA GLY A 499 -7.48 27.08 11.15
C GLY A 499 -6.40 26.05 10.89
N LEU A 500 -6.41 24.96 11.66
CA LEU A 500 -5.41 23.92 11.46
C LEU A 500 -5.55 23.28 10.08
N ALA A 501 -6.78 23.00 9.67
CA ALA A 501 -7.00 22.43 8.35
C ALA A 501 -6.57 23.38 7.25
N ALA A 502 -6.88 24.68 7.42
CA ALA A 502 -6.49 25.67 6.42
C ALA A 502 -4.97 25.78 6.31
N LEU A 503 -4.27 25.78 7.45
CA LEU A 503 -2.83 25.87 7.42
C LEU A 503 -2.21 24.63 6.79
N LEU A 504 -2.73 23.44 7.13
CA LEU A 504 -2.21 22.21 6.52
C LEU A 504 -2.44 22.22 5.02
N ALA A 505 -3.63 22.62 4.58
CA ALA A 505 -3.92 22.70 3.15
C ALA A 505 -3.01 23.71 2.46
N ALA A 506 -2.77 24.85 3.10
CA ALA A 506 -1.91 25.87 2.52
C ALA A 506 -0.49 25.35 2.35
N ALA A 507 0.03 24.66 3.37
CA ALA A 507 1.37 24.07 3.26
C ALA A 507 1.42 23.03 2.14
N TYR A 508 0.38 22.18 2.06
CA TYR A 508 0.33 21.16 1.01
C TYR A 508 0.35 21.79 -0.37
N LEU A 509 -0.51 22.80 -0.60
CA LEU A 509 -0.56 23.45 -1.89
C LEU A 509 0.73 24.21 -2.20
N GLY A 510 1.35 24.81 -1.19
CA GLY A 510 2.62 25.50 -1.41
C GLY A 510 3.72 24.55 -1.84
N LEU A 511 3.85 23.41 -1.16
CA LEU A 511 4.85 22.43 -1.56
C LEU A 511 4.54 21.87 -2.95
N SER A 512 3.26 21.62 -3.24
CA SER A 512 2.89 21.13 -4.56
C SER A 512 3.23 22.14 -5.65
N THR A 513 2.96 23.42 -5.40
CA THR A 513 3.23 24.45 -6.39
C THR A 513 4.72 24.65 -6.58
N TYR A 514 5.51 24.54 -5.49
CA TYR A 514 6.96 24.59 -5.64
C TYR A 514 7.47 23.44 -6.49
N LEU A 515 6.97 22.23 -6.25
CA LEU A 515 7.39 21.09 -7.04
C LEU A 515 6.96 21.23 -8.50
N VAL A 516 5.77 21.81 -8.73
CA VAL A 516 5.30 22.06 -10.09
C VAL A 516 6.19 23.09 -10.78
N TRP A 517 6.60 24.13 -10.06
CA TRP A 517 7.53 25.09 -10.63
C TRP A 517 8.85 24.42 -11.01
N THR A 518 9.36 23.56 -10.14
CA THR A 518 10.59 22.85 -10.46
C THR A 518 10.42 21.96 -11.69
N CYS A 519 9.29 21.25 -11.77
CA CYS A 519 9.08 20.35 -12.91
C CYS A 519 8.93 21.13 -14.21
N CYS A 520 8.20 22.24 -14.18
CA CYS A 520 8.04 23.05 -15.39
C CYS A 520 9.36 23.69 -15.80
N LEU A 521 10.22 24.02 -14.82
CA LEU A 521 11.58 24.40 -15.16
C LEU A 521 12.30 23.24 -15.85
N ALA A 522 12.11 22.03 -15.34
CA ALA A 522 12.66 20.84 -15.98
C ALA A 522 11.90 20.44 -17.23
N HIS A 523 10.68 20.94 -17.42
CA HIS A 523 9.90 20.63 -18.61
C HIS A 523 10.29 21.54 -19.77
#